data_2O8V
#
_entry.id   2O8V
#
_cell.length_a   40.932
_cell.length_b   111.153
_cell.length_c   153.434
_cell.angle_alpha   90.00
_cell.angle_beta   90.00
_cell.angle_gamma   90.00
#
_symmetry.space_group_name_H-M   'C 2 2 21'
#
loop_
_entity.id
_entity.type
_entity.pdbx_description
1 polymer 'Phosphoadenosine phosphosulfate reductase'
2 polymer 'Thioredoxin 1'
#
loop_
_entity_poly.entity_id
_entity_poly.type
_entity_poly.pdbx_seq_one_letter_code
_entity_poly.pdbx_strand_id
1 'polypeptide(L)'
;MSKLDLNALNELPKVDRILALAETNAELEKLDAEGRVAWALDNLPGEYVLSSSFGIQAAVSLHLVNQIRPDIPVILTDTG
YLFPETYRFIDELTDKLKLNLKVYRATESAAWQEARYGKLWEQGVEGIEKYNDINKVEPMNRALKELNAQTWFAGLRREQ
SGSRANLPVLAIQRGVFKVLPIIDWDNRTIYQYLQKHGLKYHPLWDEGYLSVGDTHTTRKWEPGMAEEETRFFGLKRECG
LHEGLEHHHHHH
;
A
2 'polypeptide(L)'
;MGSSHHHHHHSSGLVPRGSHSDKIIHLTDDSFDTDVLKADGAILVDFWAEWCGPAKMIAPILDEIADEYQGKLTVAKLNI
DQNPGTAPKYGIRGIPTLLLFKNGEVAATKVGALSKGQLKEFLDANLA
;
B
#
# COMPACT_ATOMS: atom_id res chain seq x y z
N SER A 2 21.79 25.46 -15.79
CA SER A 2 21.94 24.40 -14.77
C SER A 2 20.75 23.44 -14.78
N LYS A 3 19.57 24.00 -15.05
CA LYS A 3 18.34 23.20 -15.10
C LYS A 3 18.52 22.01 -16.03
N LEU A 4 18.40 20.82 -15.45
CA LEU A 4 18.58 19.55 -16.16
C LEU A 4 18.03 19.44 -17.57
N ASP A 5 18.85 18.86 -18.45
CA ASP A 5 18.49 18.67 -19.85
C ASP A 5 18.27 17.18 -20.12
N LEU A 6 17.05 16.85 -20.51
CA LEU A 6 16.65 15.47 -20.79
C LEU A 6 16.88 15.06 -22.24
N ASN A 7 16.92 16.04 -23.14
CA ASN A 7 17.15 15.78 -24.56
C ASN A 7 18.59 15.33 -24.78
N ALA A 8 19.37 15.38 -23.70
CA ALA A 8 20.77 14.96 -23.69
C ALA A 8 20.87 13.69 -22.84
N LEU A 9 19.95 13.57 -21.88
CA LEU A 9 19.91 12.41 -20.99
C LEU A 9 19.38 11.19 -21.75
N ASN A 10 18.52 11.44 -22.73
CA ASN A 10 17.97 10.39 -23.55
C ASN A 10 18.98 10.01 -24.62
N GLU A 11 20.03 10.81 -24.74
CA GLU A 11 21.12 10.57 -25.68
C GLU A 11 22.24 9.89 -24.90
N LEU A 12 21.85 9.21 -23.83
CA LEU A 12 22.77 8.50 -22.95
C LEU A 12 22.19 7.12 -22.64
N PRO A 13 23.06 6.10 -22.53
CA PRO A 13 22.63 4.73 -22.22
C PRO A 13 21.96 4.63 -20.85
N LYS A 14 21.35 3.48 -20.57
CA LYS A 14 20.65 3.23 -19.32
C LYS A 14 21.56 3.23 -18.08
N VAL A 15 22.82 2.85 -18.25
CA VAL A 15 23.76 2.80 -17.13
C VAL A 15 24.43 4.15 -16.84
N ASP A 16 24.78 4.89 -17.88
CA ASP A 16 25.40 6.20 -17.71
C ASP A 16 24.35 7.11 -17.10
N ARG A 17 23.09 6.80 -17.40
CA ARG A 17 21.94 7.53 -16.91
C ARG A 17 21.83 7.32 -15.40
N ILE A 18 21.77 6.04 -14.98
CA ILE A 18 21.67 5.73 -13.56
C ILE A 18 22.90 6.16 -12.77
N LEU A 19 24.03 6.28 -13.45
CA LEU A 19 25.28 6.71 -12.80
C LEU A 19 25.34 8.23 -12.69
N ALA A 20 25.01 8.92 -13.78
CA ALA A 20 25.01 10.38 -13.80
C ALA A 20 23.94 10.89 -12.83
N LEU A 21 22.76 10.29 -12.90
CA LEU A 21 21.64 10.65 -12.04
C LEU A 21 21.89 10.23 -10.60
N ALA A 22 22.75 9.21 -10.41
CA ALA A 22 23.07 8.70 -9.08
C ALA A 22 23.60 9.78 -8.15
N GLU A 23 24.38 10.70 -8.71
CA GLU A 23 24.96 11.80 -7.94
C GLU A 23 23.87 12.75 -7.45
N THR A 24 22.80 12.88 -8.23
CA THR A 24 21.68 13.74 -7.88
C THR A 24 20.76 13.02 -6.89
N ASN A 25 20.50 11.75 -7.14
CA ASN A 25 19.65 10.93 -6.28
C ASN A 25 20.23 10.78 -4.89
N ALA A 26 21.56 10.73 -4.82
CA ALA A 26 22.26 10.61 -3.53
C ALA A 26 21.86 11.79 -2.64
N GLU A 27 21.55 12.91 -3.26
CA GLU A 27 21.13 14.11 -2.54
C GLU A 27 19.65 14.06 -2.21
N LEU A 28 18.84 13.56 -3.13
CA LEU A 28 17.39 13.46 -2.92
C LEU A 28 17.08 12.45 -1.82
N GLU A 29 18.03 11.54 -1.57
CA GLU A 29 17.88 10.50 -0.55
C GLU A 29 17.87 11.04 0.87
N LYS A 30 18.47 12.21 1.06
CA LYS A 30 18.55 12.83 2.39
C LYS A 30 17.36 13.72 2.72
N LEU A 31 16.68 14.19 1.67
CA LEU A 31 15.52 15.05 1.84
C LEU A 31 14.23 14.27 2.06
N ASP A 32 13.21 14.94 2.60
CA ASP A 32 11.92 14.31 2.85
C ASP A 32 11.04 14.42 1.61
N ALA A 33 9.91 13.72 1.62
CA ALA A 33 8.97 13.70 0.49
C ALA A 33 8.60 15.10 -0.01
N GLU A 34 8.39 16.01 0.92
CA GLU A 34 8.02 17.39 0.59
C GLU A 34 9.18 18.13 -0.05
N GLY A 35 10.39 17.84 0.42
CA GLY A 35 11.59 18.47 -0.13
C GLY A 35 11.88 17.99 -1.54
N ARG A 36 11.59 16.73 -1.81
CA ARG A 36 11.82 16.14 -3.13
C ARG A 36 10.86 16.72 -4.15
N VAL A 37 9.58 16.86 -3.77
CA VAL A 37 8.58 17.44 -4.65
C VAL A 37 8.97 18.88 -4.92
N ALA A 38 9.34 19.60 -3.85
CA ALA A 38 9.77 21.00 -3.95
C ALA A 38 11.00 21.16 -4.83
N TRP A 39 11.98 20.27 -4.64
CA TRP A 39 13.22 20.30 -5.42
C TRP A 39 12.86 20.06 -6.89
N ALA A 40 11.97 19.11 -7.12
CA ALA A 40 11.52 18.76 -8.46
C ALA A 40 10.77 19.91 -9.13
N LEU A 41 9.99 20.65 -8.33
CA LEU A 41 9.22 21.78 -8.85
C LEU A 41 10.07 22.68 -9.74
N ASP A 42 11.26 23.06 -9.27
CA ASP A 42 12.12 23.88 -10.11
C ASP A 42 13.61 23.61 -10.11
N ASN A 43 13.94 22.54 -10.80
CA ASN A 43 15.30 22.04 -11.03
C ASN A 43 15.09 21.14 -12.26
N LEU A 44 13.82 20.78 -12.46
CA LEU A 44 13.37 19.95 -13.58
C LEU A 44 12.47 20.82 -14.47
N PRO A 45 12.26 20.42 -15.73
CA PRO A 45 11.43 21.18 -16.67
C PRO A 45 9.91 20.99 -16.72
N GLY A 46 9.34 21.57 -17.77
CA GLY A 46 7.91 21.59 -18.06
C GLY A 46 6.93 20.50 -17.67
N GLU A 47 5.72 20.96 -17.38
CA GLU A 47 4.57 20.16 -16.98
C GLU A 47 4.82 19.00 -16.03
N TYR A 48 4.34 19.19 -14.81
CA TYR A 48 4.47 18.21 -13.74
C TYR A 48 3.12 17.55 -13.51
N VAL A 49 3.06 16.24 -13.72
CA VAL A 49 1.82 15.50 -13.53
C VAL A 49 1.91 14.54 -12.34
N LEU A 50 0.75 14.20 -11.78
CA LEU A 50 0.68 13.29 -10.65
C LEU A 50 -0.28 12.15 -10.99
N SER A 51 0.27 11.03 -11.44
CA SER A 51 -0.56 9.88 -11.78
C SER A 51 -0.84 9.04 -10.55
N SER A 52 -2.11 8.72 -10.34
CA SER A 52 -2.52 7.92 -9.20
C SER A 52 -3.39 6.76 -9.66
N SER A 53 -3.42 5.71 -8.84
CA SER A 53 -4.22 4.52 -9.13
C SER A 53 -5.48 4.56 -8.29
N PHE A 54 -5.47 5.41 -7.27
CA PHE A 54 -6.58 5.56 -6.34
C PHE A 54 -6.87 4.26 -5.62
N GLY A 55 -5.83 3.73 -4.97
CA GLY A 55 -5.96 2.49 -4.25
C GLY A 55 -6.01 2.70 -2.74
N ILE A 56 -5.34 1.82 -2.03
CA ILE A 56 -5.28 1.84 -0.57
C ILE A 56 -4.63 3.07 0.06
N GLN A 57 -3.68 3.68 -0.64
CA GLN A 57 -2.96 4.83 -0.08
C GLN A 57 -2.78 6.03 -1.02
N ALA A 58 -3.71 6.23 -1.95
CA ALA A 58 -3.61 7.34 -2.88
C ALA A 58 -3.75 8.68 -2.16
N ALA A 59 -4.58 8.71 -1.12
CA ALA A 59 -4.82 9.91 -0.33
C ALA A 59 -3.56 10.60 0.16
N VAL A 60 -2.49 9.83 0.38
CA VAL A 60 -1.22 10.37 0.85
C VAL A 60 -0.55 11.26 -0.21
N SER A 61 -0.08 10.62 -1.28
CA SER A 61 0.59 11.31 -2.37
C SER A 61 -0.26 12.44 -2.97
N LEU A 62 -1.55 12.18 -3.14
CA LEU A 62 -2.46 13.18 -3.69
C LEU A 62 -2.50 14.43 -2.82
N HIS A 63 -2.82 14.25 -1.54
CA HIS A 63 -2.90 15.37 -0.62
C HIS A 63 -1.58 16.13 -0.51
N LEU A 64 -0.49 15.38 -0.34
CA LEU A 64 0.84 15.97 -0.21
C LEU A 64 1.21 16.81 -1.43
N VAL A 65 1.23 16.18 -2.60
CA VAL A 65 1.58 16.86 -3.84
C VAL A 65 0.59 17.96 -4.22
N ASN A 66 -0.70 17.72 -3.98
CA ASN A 66 -1.72 18.71 -4.31
C ASN A 66 -1.62 19.94 -3.43
N GLN A 67 -1.30 19.76 -2.15
CA GLN A 67 -1.16 20.90 -1.25
C GLN A 67 0.02 21.73 -1.71
N ILE A 68 1.10 21.04 -2.11
CA ILE A 68 2.30 21.70 -2.58
C ILE A 68 1.98 22.47 -3.87
N ARG A 69 1.27 21.81 -4.79
CA ARG A 69 0.88 22.43 -6.05
C ARG A 69 -0.60 22.28 -6.32
N PRO A 70 -1.39 23.34 -6.07
CA PRO A 70 -2.84 23.35 -6.28
C PRO A 70 -3.22 23.07 -7.74
N ASP A 71 -4.34 22.38 -7.92
CA ASP A 71 -4.86 22.01 -9.24
C ASP A 71 -3.82 21.40 -10.18
N ILE A 72 -3.10 20.40 -9.67
CA ILE A 72 -2.08 19.70 -10.44
C ILE A 72 -2.75 18.56 -11.21
N PRO A 73 -2.35 18.37 -12.49
CA PRO A 73 -2.91 17.31 -13.33
C PRO A 73 -2.77 15.90 -12.75
N VAL A 74 -3.83 15.44 -12.09
CA VAL A 74 -3.85 14.11 -11.50
C VAL A 74 -4.38 13.14 -12.55
N ILE A 75 -3.51 12.26 -13.03
CA ILE A 75 -3.87 11.29 -14.06
C ILE A 75 -4.47 10.01 -13.52
N LEU A 76 -5.69 9.72 -13.96
CA LEU A 76 -6.40 8.51 -13.56
C LEU A 76 -6.78 7.70 -14.80
N THR A 77 -6.02 6.66 -15.07
CA THR A 77 -6.29 5.80 -16.22
C THR A 77 -7.38 4.80 -15.86
N ASP A 78 -8.62 5.18 -16.11
CA ASP A 78 -9.77 4.34 -15.82
C ASP A 78 -9.84 3.15 -16.78
N THR A 79 -9.53 1.96 -16.26
CA THR A 79 -9.55 0.74 -17.05
C THR A 79 -10.95 0.38 -17.52
N GLY A 80 -11.96 0.75 -16.72
CA GLY A 80 -13.33 0.47 -17.07
C GLY A 80 -14.00 -0.51 -16.12
N TYR A 81 -13.20 -1.29 -15.40
CA TYR A 81 -13.74 -2.26 -14.45
C TYR A 81 -13.19 -2.07 -13.03
N LEU A 82 -13.07 -0.83 -12.59
CA LEU A 82 -12.59 -0.55 -11.23
C LEU A 82 -13.68 -0.88 -10.22
N PHE A 83 -13.28 -1.05 -8.96
CA PHE A 83 -14.23 -1.34 -7.89
C PHE A 83 -15.16 -0.13 -7.73
N PRO A 84 -16.48 -0.38 -7.58
CA PRO A 84 -17.46 0.69 -7.42
C PRO A 84 -17.08 1.66 -6.30
N GLU A 85 -16.64 1.10 -5.18
CA GLU A 85 -16.22 1.88 -4.03
C GLU A 85 -14.94 2.68 -4.31
N THR A 86 -14.21 2.29 -5.34
CA THR A 86 -12.99 2.97 -5.74
C THR A 86 -13.36 4.28 -6.43
N TYR A 87 -14.35 4.23 -7.32
CA TYR A 87 -14.81 5.41 -8.04
C TYR A 87 -15.32 6.43 -7.05
N ARG A 88 -16.17 5.99 -6.13
CA ARG A 88 -16.73 6.87 -5.11
C ARG A 88 -15.62 7.42 -4.21
N PHE A 89 -14.52 6.67 -4.11
CA PHE A 89 -13.36 7.06 -3.32
C PHE A 89 -12.64 8.19 -4.08
N ILE A 90 -12.67 8.11 -5.41
CA ILE A 90 -12.05 9.11 -6.27
C ILE A 90 -12.88 10.38 -6.23
N ASP A 91 -14.17 10.23 -6.52
CA ASP A 91 -15.12 11.34 -6.53
C ASP A 91 -15.24 11.99 -5.16
N GLU A 92 -14.89 11.23 -4.12
CA GLU A 92 -14.93 11.73 -2.75
C GLU A 92 -13.68 12.57 -2.51
N LEU A 93 -12.54 12.08 -2.99
CA LEU A 93 -11.25 12.77 -2.85
C LEU A 93 -11.16 14.01 -3.71
N THR A 94 -11.44 13.86 -5.01
CA THR A 94 -11.38 14.98 -5.95
C THR A 94 -12.19 16.19 -5.46
N ASP A 95 -13.23 15.92 -4.68
CA ASP A 95 -14.07 16.98 -4.14
C ASP A 95 -13.51 17.46 -2.80
N LYS A 96 -12.97 16.54 -2.00
CA LYS A 96 -12.40 16.87 -0.70
C LYS A 96 -11.05 17.58 -0.85
N LEU A 97 -10.21 17.05 -1.73
CA LEU A 97 -8.88 17.61 -1.98
C LEU A 97 -8.87 18.65 -3.08
N LYS A 98 -9.95 18.75 -3.84
CA LYS A 98 -10.06 19.71 -4.95
C LYS A 98 -8.93 19.47 -5.95
N LEU A 99 -9.07 18.39 -6.71
CA LEU A 99 -8.06 17.99 -7.69
C LEU A 99 -8.45 18.24 -9.15
N ASN A 100 -7.45 18.56 -9.97
CA ASN A 100 -7.64 18.78 -11.40
C ASN A 100 -7.49 17.38 -12.01
N LEU A 101 -8.56 16.60 -11.91
CA LEU A 101 -8.58 15.23 -12.41
C LEU A 101 -8.58 15.06 -13.92
N LYS A 102 -7.66 14.22 -14.40
CA LYS A 102 -7.52 13.92 -15.82
C LYS A 102 -7.81 12.44 -16.00
N VAL A 103 -8.98 12.11 -16.54
CA VAL A 103 -9.36 10.71 -16.75
C VAL A 103 -8.97 10.21 -18.14
N TYR A 104 -8.28 9.07 -18.17
CA TYR A 104 -7.84 8.48 -19.43
C TYR A 104 -8.19 7.00 -19.52
N ARG A 105 -9.27 6.70 -20.23
CA ARG A 105 -9.69 5.32 -20.42
C ARG A 105 -9.25 4.86 -21.80
N ALA A 106 -9.57 3.61 -22.13
CA ALA A 106 -9.20 3.02 -23.41
C ALA A 106 -9.73 3.75 -24.64
N THR A 107 -9.38 3.23 -25.80
CA THR A 107 -9.81 3.79 -27.09
C THR A 107 -11.22 3.23 -27.33
N GLU A 108 -11.47 2.07 -26.73
CA GLU A 108 -12.75 1.37 -26.80
C GLU A 108 -13.21 1.07 -25.38
N SER A 109 -14.50 0.83 -25.20
CA SER A 109 -15.05 0.56 -23.87
C SER A 109 -15.02 -0.91 -23.45
N ALA A 110 -15.54 -1.16 -22.25
CA ALA A 110 -15.59 -2.51 -21.67
C ALA A 110 -16.36 -3.48 -22.57
N ALA A 111 -17.54 -3.06 -23.00
CA ALA A 111 -18.38 -3.88 -23.88
C ALA A 111 -17.72 -4.05 -25.23
N TRP A 112 -17.07 -2.98 -25.71
CA TRP A 112 -16.38 -2.99 -27.00
C TRP A 112 -15.23 -3.99 -26.97
N GLN A 113 -14.41 -3.93 -25.93
CA GLN A 113 -13.28 -4.83 -25.76
C GLN A 113 -13.73 -6.27 -25.60
N GLU A 114 -14.83 -6.48 -24.89
CA GLU A 114 -15.38 -7.81 -24.67
C GLU A 114 -15.99 -8.44 -25.92
N ALA A 115 -16.36 -7.59 -26.88
CA ALA A 115 -16.95 -8.06 -28.13
C ALA A 115 -15.87 -8.21 -29.19
N ARG A 116 -14.90 -7.31 -29.16
CA ARG A 116 -13.79 -7.28 -30.10
C ARG A 116 -12.76 -8.37 -29.79
N TYR A 117 -12.40 -8.49 -28.52
CA TYR A 117 -11.43 -9.49 -28.08
C TYR A 117 -12.06 -10.52 -27.14
N GLY A 118 -12.82 -10.02 -26.17
CA GLY A 118 -13.46 -10.89 -25.20
C GLY A 118 -12.87 -10.67 -23.83
N LYS A 119 -13.03 -11.66 -22.95
CA LYS A 119 -12.49 -11.58 -21.60
C LYS A 119 -10.99 -11.92 -21.63
N LEU A 120 -10.19 -10.91 -21.95
CA LEU A 120 -8.73 -11.04 -22.05
C LEU A 120 -8.04 -11.64 -20.83
N TRP A 121 -8.59 -11.40 -19.65
CA TRP A 121 -8.02 -11.92 -18.41
C TRP A 121 -8.07 -13.45 -18.31
N GLU A 122 -8.96 -14.07 -19.07
CA GLU A 122 -9.10 -15.51 -19.09
C GLU A 122 -8.13 -16.11 -20.12
N GLN A 123 -7.67 -15.25 -21.03
CA GLN A 123 -6.75 -15.65 -22.10
C GLN A 123 -5.27 -15.66 -21.73
N GLY A 124 -4.98 -15.94 -20.45
CA GLY A 124 -3.61 -16.01 -19.99
C GLY A 124 -2.84 -14.69 -19.87
N VAL A 125 -1.54 -14.83 -19.66
CA VAL A 125 -0.64 -13.69 -19.51
C VAL A 125 -0.57 -12.74 -20.70
N GLU A 126 -0.46 -13.29 -21.90
CA GLU A 126 -0.41 -12.47 -23.12
C GLU A 126 -1.70 -11.66 -23.26
N GLY A 127 -2.80 -12.26 -22.83
CA GLY A 127 -4.09 -11.59 -22.88
C GLY A 127 -4.12 -10.47 -21.86
N ILE A 128 -3.56 -10.75 -20.68
CA ILE A 128 -3.49 -9.77 -19.59
C ILE A 128 -2.53 -8.65 -20.01
N GLU A 129 -1.51 -8.99 -20.79
CA GLU A 129 -0.54 -8.03 -21.27
C GLU A 129 -1.22 -7.08 -22.25
N LYS A 130 -1.99 -7.65 -23.18
CA LYS A 130 -2.72 -6.88 -24.17
C LYS A 130 -3.75 -6.02 -23.44
N TYR A 131 -4.27 -6.54 -22.35
CA TYR A 131 -5.26 -5.84 -21.52
C TYR A 131 -4.60 -4.65 -20.82
N ASN A 132 -3.46 -4.89 -20.17
CA ASN A 132 -2.73 -3.86 -19.46
C ASN A 132 -2.14 -2.81 -20.39
N ASP A 133 -1.84 -3.22 -21.62
CA ASP A 133 -1.28 -2.31 -22.61
C ASP A 133 -2.33 -1.33 -23.13
N ILE A 134 -3.52 -1.84 -23.41
CA ILE A 134 -4.61 -1.02 -23.93
C ILE A 134 -5.40 -0.27 -22.84
N ASN A 135 -5.37 -0.79 -21.62
CA ASN A 135 -6.10 -0.17 -20.51
C ASN A 135 -5.28 0.73 -19.58
N LYS A 136 -3.98 0.44 -19.46
CA LYS A 136 -3.12 1.23 -18.57
C LYS A 136 -1.92 1.89 -19.26
N VAL A 137 -1.10 1.08 -19.92
CA VAL A 137 0.10 1.56 -20.59
C VAL A 137 -0.15 2.64 -21.65
N GLU A 138 -0.85 2.27 -22.72
CA GLU A 138 -1.15 3.20 -23.80
C GLU A 138 -1.85 4.48 -23.31
N PRO A 139 -2.89 4.34 -22.46
CA PRO A 139 -3.58 5.52 -21.93
C PRO A 139 -2.65 6.47 -21.18
N MET A 140 -1.69 5.90 -20.45
CA MET A 140 -0.73 6.69 -19.69
C MET A 140 0.24 7.40 -20.64
N ASN A 141 0.74 6.65 -21.62
CA ASN A 141 1.67 7.20 -22.62
C ASN A 141 1.02 8.34 -23.38
N ARG A 142 -0.30 8.26 -23.53
CA ARG A 142 -1.08 9.28 -24.23
C ARG A 142 -1.31 10.48 -23.31
N ALA A 143 -1.45 10.20 -22.02
CA ALA A 143 -1.68 11.24 -21.01
C ALA A 143 -0.47 12.16 -20.87
N LEU A 144 0.73 11.56 -20.80
CA LEU A 144 1.97 12.31 -20.67
C LEU A 144 2.16 13.27 -21.85
N LYS A 145 1.82 12.80 -23.04
CA LYS A 145 1.95 13.60 -24.25
C LYS A 145 0.90 14.71 -24.35
N GLU A 146 -0.36 14.37 -24.10
CA GLU A 146 -1.45 15.35 -24.15
C GLU A 146 -1.27 16.45 -23.13
N LEU A 147 -0.69 16.09 -21.97
CA LEU A 147 -0.46 17.06 -20.91
C LEU A 147 0.92 17.71 -21.03
N ASN A 148 1.70 17.28 -22.04
CA ASN A 148 3.04 17.80 -22.30
C ASN A 148 3.98 17.79 -21.10
N ALA A 149 3.98 16.69 -20.36
CA ALA A 149 4.82 16.57 -19.17
C ALA A 149 6.26 16.11 -19.41
N GLN A 150 7.17 16.62 -18.60
CA GLN A 150 8.58 16.27 -18.64
C GLN A 150 8.96 15.77 -17.24
N THR A 151 8.07 16.02 -16.30
CA THR A 151 8.23 15.62 -14.91
C THR A 151 6.93 14.92 -14.50
N TRP A 152 7.06 13.80 -13.81
CA TRP A 152 5.91 13.01 -13.37
C TRP A 152 6.10 12.43 -11.97
N PHE A 153 5.17 12.78 -11.08
CA PHE A 153 5.21 12.32 -9.70
C PHE A 153 4.31 11.10 -9.50
N ALA A 154 4.80 10.13 -8.74
CA ALA A 154 4.06 8.91 -8.45
C ALA A 154 4.24 8.52 -6.99
N GLY A 155 3.15 8.07 -6.36
CA GLY A 155 3.20 7.69 -4.96
C GLY A 155 3.67 6.27 -4.71
N LEU A 156 4.80 5.90 -5.31
CA LEU A 156 5.34 4.56 -5.15
C LEU A 156 6.24 4.48 -3.91
N ARG A 157 6.28 3.30 -3.31
CA ARG A 157 7.10 3.04 -2.13
C ARG A 157 8.03 1.87 -2.42
N ARG A 158 9.13 1.80 -1.68
CA ARG A 158 10.08 0.70 -1.85
C ARG A 158 9.47 -0.55 -1.22
N GLU A 159 8.38 -0.36 -0.48
CA GLU A 159 7.68 -1.44 0.19
C GLU A 159 6.55 -2.18 -0.54
N GLN A 160 5.62 -1.47 -1.18
CA GLN A 160 4.48 -2.15 -1.82
C GLN A 160 4.72 -3.51 -2.47
N SER A 161 5.15 -3.61 -3.72
CA SER A 161 5.43 -4.99 -4.16
C SER A 161 6.93 -5.15 -4.14
N GLY A 162 7.62 -4.28 -4.89
CA GLY A 162 9.07 -4.34 -4.94
C GLY A 162 9.64 -3.22 -5.77
N SER A 163 10.59 -2.50 -5.17
CA SER A 163 11.26 -1.39 -5.82
C SER A 163 12.53 -1.12 -5.04
N ARG A 164 13.34 -2.18 -4.92
CA ARG A 164 14.60 -2.12 -4.21
C ARG A 164 15.51 -1.07 -4.86
N ALA A 165 16.75 -0.94 -4.38
CA ALA A 165 17.69 0.07 -4.89
C ALA A 165 18.03 0.12 -6.39
N ASN A 166 16.99 -0.04 -7.22
CA ASN A 166 17.09 0.04 -8.67
C ASN A 166 16.03 1.06 -9.08
N LEU A 167 15.23 1.45 -8.09
CA LEU A 167 14.16 2.44 -8.25
C LEU A 167 14.55 3.69 -7.47
N PRO A 168 15.33 4.59 -8.10
CA PRO A 168 15.77 5.83 -7.47
C PRO A 168 14.62 6.83 -7.34
N VAL A 169 14.74 7.74 -6.36
CA VAL A 169 13.71 8.75 -6.11
C VAL A 169 13.37 9.48 -7.42
N LEU A 170 14.38 9.65 -8.27
CA LEU A 170 14.23 10.30 -9.57
C LEU A 170 14.64 9.30 -10.65
N ALA A 171 14.09 9.47 -11.84
CA ALA A 171 14.39 8.59 -12.96
C ALA A 171 13.83 9.10 -14.28
N ILE A 172 14.06 8.33 -15.33
CA ILE A 172 13.57 8.67 -16.67
C ILE A 172 12.95 7.40 -17.24
N GLN A 173 11.62 7.35 -17.25
CA GLN A 173 10.94 6.18 -17.79
C GLN A 173 10.76 6.33 -19.30
N ARG A 174 9.79 7.13 -19.71
CA ARG A 174 9.55 7.37 -21.14
C ARG A 174 9.84 8.82 -21.50
N GLY A 175 11.12 9.17 -21.54
CA GLY A 175 11.53 10.53 -21.86
C GLY A 175 10.90 11.55 -20.94
N VAL A 176 10.67 11.14 -19.69
CA VAL A 176 10.05 11.98 -18.68
C VAL A 176 10.67 11.70 -17.31
N PHE A 177 10.98 12.77 -16.57
CA PHE A 177 11.56 12.65 -15.25
C PHE A 177 10.58 12.03 -14.26
N LYS A 178 10.79 10.75 -13.96
CA LYS A 178 9.96 9.99 -13.04
C LYS A 178 10.39 10.29 -11.60
N VAL A 179 9.49 10.87 -10.82
CA VAL A 179 9.78 11.20 -9.42
C VAL A 179 8.91 10.38 -8.47
N LEU A 180 9.54 9.90 -7.41
CA LEU A 180 8.87 9.10 -6.39
C LEU A 180 9.26 9.64 -5.01
N PRO A 181 8.51 10.64 -4.51
CA PRO A 181 8.77 11.27 -3.21
C PRO A 181 8.65 10.35 -2.00
N ILE A 182 7.48 9.72 -1.82
CA ILE A 182 7.25 8.82 -0.69
C ILE A 182 7.81 7.41 -0.97
N ILE A 183 9.03 7.38 -1.53
CA ILE A 183 9.68 6.12 -1.86
C ILE A 183 10.22 5.35 -0.65
N ASP A 184 10.95 6.04 0.23
CA ASP A 184 11.52 5.42 1.42
C ASP A 184 10.53 5.27 2.57
N TRP A 185 9.30 5.73 2.35
CA TRP A 185 8.24 5.64 3.35
C TRP A 185 7.78 4.20 3.60
N ASP A 186 7.37 3.94 4.84
CA ASP A 186 6.88 2.62 5.22
C ASP A 186 5.43 2.73 5.68
N ASN A 187 4.75 1.58 5.78
CA ASN A 187 3.35 1.53 6.19
C ASN A 187 3.01 2.38 7.42
N ARG A 188 3.91 2.44 8.39
CA ARG A 188 3.69 3.24 9.60
C ARG A 188 3.57 4.71 9.21
N THR A 189 4.60 5.21 8.53
CA THR A 189 4.66 6.60 8.08
C THR A 189 3.43 7.01 7.26
N ILE A 190 2.93 6.11 6.42
CA ILE A 190 1.75 6.39 5.61
C ILE A 190 0.50 6.42 6.49
N TYR A 191 0.39 5.45 7.39
CA TYR A 191 -0.74 5.37 8.31
C TYR A 191 -0.78 6.62 9.19
N GLN A 192 0.39 7.05 9.64
CA GLN A 192 0.51 8.23 10.49
C GLN A 192 0.14 9.49 9.71
N TYR A 193 0.58 9.56 8.45
CA TYR A 193 0.27 10.69 7.59
C TYR A 193 -1.24 10.79 7.41
N LEU A 194 -1.87 9.66 7.18
CA LEU A 194 -3.32 9.58 7.01
C LEU A 194 -4.04 10.08 8.25
N GLN A 195 -3.53 9.71 9.42
CA GLN A 195 -4.12 10.14 10.69
C GLN A 195 -3.92 11.62 10.96
N LYS A 196 -2.68 12.08 10.84
CA LYS A 196 -2.33 13.48 11.09
C LYS A 196 -3.08 14.48 10.21
N HIS A 197 -3.42 14.07 8.99
CA HIS A 197 -4.13 14.95 8.07
C HIS A 197 -5.62 14.65 7.90
N GLY A 198 -6.15 13.77 8.75
CA GLY A 198 -7.56 13.41 8.69
C GLY A 198 -7.99 12.68 7.44
N LEU A 199 -7.03 12.09 6.74
CA LEU A 199 -7.31 11.34 5.51
C LEU A 199 -7.64 9.89 5.87
N LYS A 200 -8.58 9.30 5.14
CA LYS A 200 -8.99 7.92 5.39
C LYS A 200 -8.43 6.93 4.37
N TYR A 201 -8.32 5.67 4.79
CA TYR A 201 -7.83 4.59 3.93
C TYR A 201 -8.92 4.28 2.91
N HIS A 202 -8.61 3.43 1.93
CA HIS A 202 -9.58 3.04 0.92
C HIS A 202 -10.66 2.20 1.61
N PRO A 203 -11.94 2.51 1.34
CA PRO A 203 -13.10 1.83 1.91
C PRO A 203 -13.04 0.29 1.96
N LEU A 204 -12.31 -0.31 1.03
CA LEU A 204 -12.18 -1.78 0.98
C LEU A 204 -11.09 -2.34 1.88
N TRP A 205 -10.01 -1.59 2.06
CA TRP A 205 -8.89 -2.02 2.89
C TRP A 205 -9.38 -2.51 4.25
N ASP A 206 -10.44 -1.89 4.74
CA ASP A 206 -11.02 -2.26 6.02
C ASP A 206 -12.13 -3.30 5.86
N GLU A 207 -11.86 -4.32 5.05
CA GLU A 207 -12.80 -5.40 4.80
C GLU A 207 -12.05 -6.71 4.52
N GLY A 208 -11.01 -6.61 3.69
CA GLY A 208 -10.23 -7.79 3.35
C GLY A 208 -9.32 -7.61 2.17
N TYR A 209 -9.74 -6.79 1.20
CA TYR A 209 -8.96 -6.54 0.00
C TYR A 209 -7.60 -5.95 0.33
N LEU A 210 -6.58 -6.81 0.24
CA LEU A 210 -5.19 -6.47 0.53
C LEU A 210 -4.67 -5.37 -0.39
N SER A 211 -4.96 -5.50 -1.68
CA SER A 211 -4.51 -4.53 -2.67
C SER A 211 -5.52 -4.45 -3.81
N VAL A 212 -6.48 -3.55 -3.68
CA VAL A 212 -7.51 -3.39 -4.70
C VAL A 212 -6.99 -2.77 -5.99
N GLY A 213 -7.66 -3.09 -7.09
CA GLY A 213 -7.31 -2.56 -8.39
C GLY A 213 -8.53 -2.74 -9.27
N ASP A 214 -8.50 -3.75 -10.12
CA ASP A 214 -9.64 -4.06 -10.99
C ASP A 214 -10.43 -5.21 -10.38
N THR A 215 -11.66 -5.39 -10.84
CA THR A 215 -12.53 -6.44 -10.31
C THR A 215 -12.45 -7.79 -11.04
N HIS A 216 -12.91 -7.80 -12.29
CA HIS A 216 -12.96 -8.99 -13.13
C HIS A 216 -11.75 -9.93 -13.00
N THR A 217 -11.81 -10.83 -12.03
CA THR A 217 -10.74 -11.79 -11.74
C THR A 217 -9.34 -11.18 -11.90
N THR A 218 -9.18 -10.00 -11.32
CA THR A 218 -7.92 -9.27 -11.36
C THR A 218 -7.43 -9.05 -9.94
N ARG A 219 -8.36 -8.85 -9.00
CA ARG A 219 -7.99 -8.62 -7.61
C ARG A 219 -8.70 -9.48 -6.56
N LYS A 220 -7.93 -10.43 -6.00
CA LYS A 220 -8.33 -11.40 -4.96
C LYS A 220 -7.23 -12.49 -4.71
N LEU A 235 3.05 -8.91 0.32
CA LEU A 235 3.01 -8.76 1.79
C LEU A 235 3.81 -9.85 2.48
N LYS A 236 5.11 -9.59 2.63
CA LYS A 236 5.95 -10.56 3.28
C LYS A 236 5.28 -10.76 4.61
N ARG A 237 5.07 -12.02 4.91
CA ARG A 237 4.47 -12.50 6.14
C ARG A 237 4.54 -11.49 7.28
N GLU A 238 5.49 -10.57 7.20
CA GLU A 238 5.63 -9.55 8.24
C GLU A 238 5.76 -8.11 7.81
N CYS A 239 5.60 -7.26 8.80
CA CYS A 239 5.74 -5.82 8.70
C CYS A 239 6.75 -5.56 9.81
N GLY A 240 7.17 -4.32 10.02
CA GLY A 240 8.16 -4.11 11.04
C GLY A 240 8.06 -2.98 12.04
N LEU A 241 8.23 -3.35 13.31
CA LEU A 241 8.24 -2.40 14.42
C LEU A 241 9.73 -2.04 14.54
N HIS A 242 10.52 -2.71 13.70
CA HIS A 242 11.98 -2.60 13.58
C HIS A 242 12.73 -3.62 14.43
N GLU A 243 13.12 -4.69 13.75
CA GLU A 243 13.84 -5.87 14.24
C GLU A 243 14.57 -5.95 15.60
N GLY A 244 15.24 -4.89 16.03
CA GLY A 244 15.91 -4.95 17.32
C GLY A 244 17.41 -4.69 17.32
N SER B 21 -13.57 -6.27 9.59
CA SER B 21 -12.30 -7.04 9.49
C SER B 21 -11.99 -7.79 10.78
N ASP B 22 -11.80 -7.02 11.86
CA ASP B 22 -11.48 -7.59 13.17
C ASP B 22 -12.73 -7.59 14.05
N LYS B 23 -13.13 -8.77 14.51
CA LYS B 23 -14.32 -8.91 15.35
C LYS B 23 -14.09 -10.00 16.40
N ILE B 24 -13.48 -9.61 17.52
CA ILE B 24 -13.19 -10.55 18.60
C ILE B 24 -12.97 -9.74 19.90
N ILE B 25 -12.47 -10.40 20.95
CA ILE B 25 -12.21 -9.71 22.22
C ILE B 25 -11.02 -8.77 22.03
N HIS B 26 -11.32 -7.52 21.73
CA HIS B 26 -10.29 -6.51 21.50
C HIS B 26 -9.69 -6.00 22.81
N LEU B 27 -8.35 -5.99 22.87
CA LEU B 27 -7.62 -5.58 24.06
C LEU B 27 -7.01 -4.18 24.01
N THR B 28 -6.54 -3.74 25.18
CA THR B 28 -5.89 -2.45 25.37
C THR B 28 -4.80 -2.64 26.43
N ASP B 29 -4.00 -1.61 26.66
CA ASP B 29 -2.94 -1.68 27.67
C ASP B 29 -3.54 -1.81 29.07
N ASP B 30 -4.70 -1.18 29.25
CA ASP B 30 -5.41 -1.20 30.52
C ASP B 30 -5.99 -2.57 30.87
N SER B 31 -6.65 -3.20 29.90
CA SER B 31 -7.27 -4.51 30.09
C SER B 31 -6.32 -5.70 30.08
N PHE B 32 -5.10 -5.49 29.59
CA PHE B 32 -4.09 -6.54 29.50
C PHE B 32 -3.87 -7.29 30.82
N ASP B 33 -3.81 -6.54 31.91
CA ASP B 33 -3.61 -7.11 33.24
C ASP B 33 -4.70 -8.08 33.67
N THR B 34 -5.96 -7.68 33.49
CA THR B 34 -7.10 -8.50 33.88
C THR B 34 -7.52 -9.54 32.85
N ASP B 35 -7.83 -9.07 31.65
CA ASP B 35 -8.29 -9.93 30.56
C ASP B 35 -7.30 -10.98 30.03
N VAL B 36 -6.02 -10.80 30.32
CA VAL B 36 -5.00 -11.75 29.85
C VAL B 36 -4.16 -12.33 30.98
N LEU B 37 -3.38 -11.49 31.63
CA LEU B 37 -2.49 -11.91 32.72
C LEU B 37 -3.22 -12.50 33.93
N LYS B 38 -4.50 -12.14 34.09
CA LYS B 38 -5.31 -12.63 35.19
C LYS B 38 -6.51 -13.44 34.70
N ALA B 39 -6.41 -13.95 33.47
CA ALA B 39 -7.47 -14.74 32.87
C ALA B 39 -7.30 -16.23 33.18
N ASP B 40 -8.40 -16.87 33.56
CA ASP B 40 -8.39 -18.30 33.89
C ASP B 40 -8.58 -19.16 32.65
N GLY B 41 -7.48 -19.57 32.04
CA GLY B 41 -7.54 -20.41 30.85
C GLY B 41 -6.49 -20.07 29.81
N ALA B 42 -6.72 -20.52 28.58
CA ALA B 42 -5.80 -20.27 27.48
C ALA B 42 -6.28 -19.12 26.60
N ILE B 43 -5.38 -18.17 26.33
CA ILE B 43 -5.72 -17.01 25.50
C ILE B 43 -4.69 -16.79 24.40
N LEU B 44 -5.18 -16.63 23.17
CA LEU B 44 -4.32 -16.37 22.02
C LEU B 44 -4.41 -14.88 21.69
N VAL B 45 -3.30 -14.17 21.84
CA VAL B 45 -3.27 -12.74 21.56
C VAL B 45 -2.66 -12.43 20.20
N ASP B 46 -3.33 -11.57 19.44
CA ASP B 46 -2.88 -11.17 18.12
C ASP B 46 -2.48 -9.69 18.08
N PHE B 47 -1.18 -9.45 18.20
CA PHE B 47 -0.66 -8.08 18.15
C PHE B 47 -0.68 -7.65 16.70
N TRP B 48 -1.60 -6.74 16.37
CA TRP B 48 -1.75 -6.26 15.00
C TRP B 48 -1.77 -4.73 14.90
N ALA B 49 -1.88 -4.25 13.67
CA ALA B 49 -1.94 -2.82 13.37
C ALA B 49 -2.75 -2.63 12.09
N GLU B 50 -3.37 -1.46 11.97
CA GLU B 50 -4.21 -1.12 10.83
C GLU B 50 -3.46 -1.12 9.49
N TRP B 51 -2.17 -0.82 9.51
CA TRP B 51 -1.36 -0.77 8.30
C TRP B 51 -0.77 -2.08 7.80
N CYS B 52 -0.54 -3.03 8.70
CA CYS B 52 0.03 -4.31 8.32
C CYS B 52 -0.97 -5.19 7.59
N GLY B 53 -0.87 -5.22 6.26
CA GLY B 53 -1.75 -6.02 5.43
C GLY B 53 -1.84 -7.48 5.86
N PRO B 54 -0.68 -8.16 6.03
CA PRO B 54 -0.68 -9.57 6.44
C PRO B 54 -1.33 -9.79 7.80
N ALA B 55 -1.52 -8.72 8.56
CA ALA B 55 -2.17 -8.79 9.87
C ALA B 55 -3.67 -8.84 9.68
N LYS B 56 -4.19 -7.97 8.81
CA LYS B 56 -5.62 -7.92 8.51
C LYS B 56 -5.97 -9.17 7.69
N MET B 57 -4.94 -9.73 7.07
CA MET B 57 -5.05 -10.92 6.23
C MET B 57 -5.44 -12.16 7.04
N ILE B 58 -4.99 -12.23 8.30
CA ILE B 58 -5.29 -13.36 9.16
C ILE B 58 -6.52 -13.17 10.04
N ALA B 59 -7.13 -11.99 9.96
CA ALA B 59 -8.32 -11.66 10.75
C ALA B 59 -9.47 -12.67 10.59
N PRO B 60 -9.83 -13.02 9.34
CA PRO B 60 -10.92 -13.98 9.13
C PRO B 60 -10.59 -15.38 9.65
N ILE B 61 -9.30 -15.74 9.58
CA ILE B 61 -8.83 -17.03 10.06
C ILE B 61 -8.99 -17.11 11.58
N LEU B 62 -8.60 -16.04 12.26
CA LEU B 62 -8.70 -15.96 13.71
C LEU B 62 -10.15 -16.01 14.17
N ASP B 63 -11.04 -15.47 13.34
CA ASP B 63 -12.47 -15.46 13.64
C ASP B 63 -13.00 -16.89 13.56
N GLU B 64 -12.57 -17.60 12.51
CA GLU B 64 -12.98 -19.00 12.30
C GLU B 64 -12.45 -19.87 13.42
N ILE B 65 -11.20 -19.64 13.82
CA ILE B 65 -10.58 -20.40 14.90
C ILE B 65 -11.31 -20.12 16.22
N ALA B 66 -11.72 -18.87 16.41
CA ALA B 66 -12.44 -18.48 17.62
C ALA B 66 -13.77 -19.22 17.71
N ASP B 67 -14.37 -19.48 16.55
CA ASP B 67 -15.64 -20.20 16.48
C ASP B 67 -15.49 -21.68 16.82
N GLU B 68 -14.51 -22.33 16.20
CA GLU B 68 -14.27 -23.75 16.42
C GLU B 68 -13.64 -24.07 17.77
N TYR B 69 -12.67 -23.25 18.18
CA TYR B 69 -12.01 -23.46 19.47
C TYR B 69 -12.74 -22.80 20.63
N GLN B 70 -14.04 -22.58 20.47
CA GLN B 70 -14.84 -21.96 21.52
C GLN B 70 -14.84 -22.83 22.77
N GLY B 71 -14.78 -22.17 23.93
CA GLY B 71 -14.77 -22.88 25.20
C GLY B 71 -13.36 -23.24 25.64
N LYS B 72 -12.55 -23.71 24.70
CA LYS B 72 -11.17 -24.10 24.99
C LYS B 72 -10.21 -22.92 24.94
N LEU B 73 -10.25 -22.17 23.84
CA LEU B 73 -9.36 -21.03 23.65
C LEU B 73 -10.10 -19.69 23.52
N THR B 74 -9.52 -18.66 24.15
CA THR B 74 -10.08 -17.32 24.10
C THR B 74 -9.22 -16.51 23.14
N VAL B 75 -9.80 -16.13 22.00
CA VAL B 75 -9.07 -15.36 21.00
C VAL B 75 -9.16 -13.86 21.25
N ALA B 76 -8.01 -13.19 21.18
CA ALA B 76 -7.96 -11.75 21.41
C ALA B 76 -7.04 -11.03 20.42
N LYS B 77 -7.23 -9.72 20.29
CA LYS B 77 -6.46 -8.89 19.39
C LYS B 77 -6.04 -7.57 20.05
N LEU B 78 -4.75 -7.23 19.95
CA LEU B 78 -4.26 -5.98 20.49
C LEU B 78 -3.72 -5.12 19.37
N ASN B 79 -4.16 -3.87 19.33
CA ASN B 79 -3.74 -2.93 18.31
C ASN B 79 -2.64 -2.02 18.84
N ILE B 80 -1.42 -2.22 18.36
CA ILE B 80 -0.25 -1.44 18.78
C ILE B 80 -0.37 0.05 18.51
N ASP B 81 -1.22 0.41 17.53
CA ASP B 81 -1.41 1.82 17.15
C ASP B 81 -1.70 2.70 18.37
N GLN B 82 -2.68 2.31 19.16
CA GLN B 82 -3.04 3.06 20.37
C GLN B 82 -2.60 2.36 21.65
N ASN B 83 -2.08 1.14 21.50
CA ASN B 83 -1.62 0.36 22.65
C ASN B 83 -0.21 -0.18 22.36
N PRO B 84 0.80 0.73 22.34
CA PRO B 84 2.19 0.37 22.07
C PRO B 84 2.98 -0.26 23.22
N GLY B 85 2.75 0.22 24.44
CA GLY B 85 3.47 -0.26 25.61
C GLY B 85 3.54 -1.75 25.93
N THR B 86 2.64 -2.55 25.35
CA THR B 86 2.63 -3.99 25.61
C THR B 86 3.44 -4.85 24.66
N ALA B 87 3.69 -4.35 23.45
CA ALA B 87 4.48 -5.09 22.46
C ALA B 87 5.91 -5.33 22.95
N PRO B 88 6.58 -4.27 23.47
CA PRO B 88 7.95 -4.42 23.96
C PRO B 88 8.05 -5.36 25.16
N LYS B 89 6.96 -5.46 25.91
CA LYS B 89 6.90 -6.32 27.09
C LYS B 89 7.08 -7.80 26.76
N TYR B 90 6.80 -8.17 25.52
CA TYR B 90 6.95 -9.55 25.08
C TYR B 90 7.92 -9.64 23.91
N GLY B 91 8.75 -8.61 23.78
CA GLY B 91 9.75 -8.56 22.72
C GLY B 91 9.22 -8.73 21.31
N ILE B 92 8.16 -8.01 20.96
CA ILE B 92 7.60 -8.10 19.62
C ILE B 92 8.50 -7.36 18.64
N ARG B 93 8.97 -8.09 17.64
CA ARG B 93 9.87 -7.54 16.62
C ARG B 93 9.16 -7.00 15.38
N GLY B 94 8.01 -7.58 15.04
CA GLY B 94 7.28 -7.12 13.87
C GLY B 94 5.98 -7.82 13.58
N ILE B 95 4.88 -7.15 13.94
CA ILE B 95 3.52 -7.64 13.72
C ILE B 95 3.35 -8.16 12.29
N PRO B 96 2.51 -9.19 12.08
CA PRO B 96 1.64 -9.99 12.96
C PRO B 96 2.29 -11.08 13.81
N THR B 97 2.29 -10.89 15.13
CA THR B 97 2.86 -11.86 16.06
C THR B 97 1.76 -12.39 16.99
N LEU B 98 1.66 -13.72 17.09
CA LEU B 98 0.66 -14.37 17.93
C LEU B 98 1.27 -14.89 19.23
N LEU B 99 0.70 -14.46 20.36
CA LEU B 99 1.18 -14.86 21.68
C LEU B 99 0.16 -15.76 22.38
N LEU B 100 0.55 -17.01 22.63
CA LEU B 100 -0.34 -17.95 23.30
C LEU B 100 -0.11 -17.90 24.82
N PHE B 101 -1.19 -17.66 25.56
CA PHE B 101 -1.13 -17.58 27.01
C PHE B 101 -1.87 -18.72 27.67
N LYS B 102 -1.29 -19.23 28.76
CA LYS B 102 -1.89 -20.31 29.53
C LYS B 102 -1.88 -19.93 31.00
N ASN B 103 -3.02 -19.42 31.47
CA ASN B 103 -3.19 -18.97 32.84
C ASN B 103 -2.25 -17.81 33.17
N GLY B 104 -2.34 -16.76 32.36
CA GLY B 104 -1.52 -15.58 32.54
C GLY B 104 -0.09 -15.70 32.06
N GLU B 105 0.44 -16.91 32.05
CA GLU B 105 1.82 -17.16 31.63
C GLU B 105 1.91 -17.48 30.15
N VAL B 106 2.85 -16.84 29.47
CA VAL B 106 3.06 -17.03 28.04
C VAL B 106 3.64 -18.40 27.69
N ALA B 107 3.02 -19.06 26.72
CA ALA B 107 3.46 -20.38 26.28
C ALA B 107 4.34 -20.27 25.03
N ALA B 108 3.72 -20.06 23.88
CA ALA B 108 4.45 -19.95 22.63
C ALA B 108 4.14 -18.65 21.88
N THR B 109 4.95 -18.37 20.87
CA THR B 109 4.79 -17.17 20.05
C THR B 109 5.10 -17.44 18.58
N LYS B 110 4.18 -17.07 17.71
CA LYS B 110 4.34 -17.25 16.26
C LYS B 110 4.43 -15.90 15.58
N VAL B 111 5.40 -15.74 14.69
CA VAL B 111 5.59 -14.48 13.99
C VAL B 111 5.21 -14.58 12.50
N GLY B 112 4.53 -13.55 12.00
CA GLY B 112 4.12 -13.52 10.62
C GLY B 112 2.74 -14.05 10.34
N ALA B 113 2.25 -13.80 9.13
CA ALA B 113 0.92 -14.25 8.70
C ALA B 113 0.95 -15.76 8.44
N LEU B 114 0.00 -16.47 9.03
CA LEU B 114 -0.08 -17.92 8.89
C LEU B 114 -1.40 -18.41 8.30
N SER B 115 -1.39 -19.65 7.81
CA SER B 115 -2.58 -20.26 7.24
C SER B 115 -3.40 -20.93 8.34
N LYS B 116 -4.67 -21.23 8.02
CA LYS B 116 -5.57 -21.87 8.98
C LYS B 116 -5.00 -23.17 9.51
N GLY B 117 -4.36 -23.95 8.62
CA GLY B 117 -3.76 -25.21 9.01
C GLY B 117 -2.60 -24.99 9.95
N GLN B 118 -1.69 -24.08 9.58
CA GLN B 118 -0.52 -23.77 10.40
C GLN B 118 -0.91 -23.15 11.74
N LEU B 119 -2.05 -22.46 11.78
CA LEU B 119 -2.52 -21.84 13.00
C LEU B 119 -3.10 -22.92 13.92
N LYS B 120 -3.86 -23.85 13.34
CA LYS B 120 -4.44 -24.95 14.11
C LYS B 120 -3.33 -25.77 14.74
N GLU B 121 -2.33 -26.14 13.93
CA GLU B 121 -1.19 -26.92 14.38
C GLU B 121 -0.44 -26.20 15.50
N PHE B 122 -0.23 -24.89 15.32
CA PHE B 122 0.45 -24.06 16.29
C PHE B 122 -0.30 -24.07 17.63
N LEU B 123 -1.62 -23.94 17.55
CA LEU B 123 -2.46 -23.94 18.74
C LEU B 123 -2.52 -25.30 19.41
N ASP B 124 -3.01 -26.30 18.67
CA ASP B 124 -3.16 -27.67 19.16
C ASP B 124 -1.93 -28.20 19.89
N ALA B 125 -0.77 -28.10 19.25
CA ALA B 125 0.49 -28.58 19.80
C ALA B 125 0.79 -28.04 21.20
N ASN B 126 0.53 -26.76 21.42
CA ASN B 126 0.78 -26.14 22.71
C ASN B 126 -0.39 -26.26 23.68
N LEU B 127 -1.60 -26.16 23.17
CA LEU B 127 -2.82 -26.26 23.99
C LEU B 127 -2.87 -27.55 24.79
N ALA B 128 -2.87 -28.69 24.08
CA ALA B 128 -2.92 -30.01 24.70
C ALA B 128 -4.05 -30.14 25.73
#